data_4Q7E
#
_entry.id   4Q7E
#
_cell.length_a   57.446
_cell.length_b   62.963
_cell.length_c   66.977
_cell.angle_alpha   90.000
_cell.angle_beta   90.000
_cell.angle_gamma   90.000
#
_symmetry.space_group_name_H-M   'P 21 21 21'
#
loop_
_entity.id
_entity.type
_entity.pdbx_description
1 polymer 'Response regulator of a two component regulatory system'
2 non-polymer GLYCEROL
3 non-polymer 'SULFATE ION'
4 water water
#
_entity_poly.entity_id   1
_entity_poly.type   'polypeptide(L)'
_entity_poly.pdbx_seq_one_letter_code
;GSGSMKPRILLVEDDEGLGETLKERLEQDKYRVEWAKTISEAENLYRPNAFDLVVLDLRLPDGNGFDLAEMIVKKEKDLP
FLFLTAQAGAQERLRGFELGAAEFIPKPFHLKEFLIRLERVISLTRPHY
;
_entity_poly.pdbx_strand_id   A,B
#
# COMPACT_ATOMS: atom_id res chain seq x y z
N MET A 5 7.81 11.80 -20.61
CA MET A 5 8.33 10.43 -20.72
C MET A 5 8.60 9.90 -19.32
N LYS A 6 9.57 10.49 -18.63
CA LYS A 6 9.77 10.20 -17.21
C LYS A 6 8.62 10.85 -16.46
N PRO A 7 7.93 10.07 -15.60
CA PRO A 7 6.82 10.59 -14.81
C PRO A 7 7.31 11.75 -13.96
N ARG A 8 6.49 12.79 -13.83
N ARG A 8 6.50 12.80 -13.83
CA ARG A 8 6.85 13.95 -13.03
CA ARG A 8 6.85 13.98 -13.05
C ARG A 8 6.11 13.87 -11.72
C ARG A 8 6.10 13.89 -11.73
N ILE A 9 6.85 14.01 -10.64
CA ILE A 9 6.31 13.88 -9.30
C ILE A 9 6.42 15.21 -8.63
N LEU A 10 5.33 15.61 -8.00
CA LEU A 10 5.35 16.74 -7.08
C LEU A 10 5.50 16.19 -5.69
N LEU A 11 6.60 16.54 -5.06
CA LEU A 11 6.96 16.09 -3.71
C LEU A 11 6.76 17.25 -2.77
N VAL A 12 5.99 17.09 -1.73
CA VAL A 12 5.71 18.14 -0.75
C VAL A 12 6.19 17.65 0.60
N GLU A 13 7.31 18.22 1.07
CA GLU A 13 8.06 17.70 2.19
C GLU A 13 8.97 18.81 2.73
N ASP A 14 8.83 19.16 3.99
CA ASP A 14 9.66 20.24 4.55
C ASP A 14 10.97 19.78 5.19
N ASP A 15 11.10 18.48 5.42
CA ASP A 15 12.36 17.97 5.96
C ASP A 15 13.35 17.95 4.81
N GLU A 16 14.31 18.85 4.84
CA GLU A 16 15.16 18.98 3.69
C GLU A 16 16.19 17.89 3.57
N GLY A 17 16.57 17.28 4.70
CA GLY A 17 17.44 16.13 4.65
C GLY A 17 16.75 14.97 3.91
N LEU A 18 15.54 14.68 4.31
CA LEU A 18 14.78 13.63 3.65
C LEU A 18 14.40 13.99 2.22
N GLY A 19 13.96 15.23 2.00
CA GLY A 19 13.55 15.66 0.67
C GLY A 19 14.67 15.61 -0.35
N GLU A 20 15.87 16.01 0.06
CA GLU A 20 17.02 15.94 -0.85
C GLU A 20 17.28 14.50 -1.24
N THR A 21 17.23 13.61 -0.23
CA THR A 21 17.51 12.21 -0.45
C THR A 21 16.48 11.58 -1.39
N LEU A 22 15.22 11.88 -1.15
CA LEU A 22 14.14 11.37 -2.00
C LEU A 22 14.27 11.89 -3.43
N LYS A 23 14.46 13.20 -3.57
CA LYS A 23 14.57 13.79 -4.89
C LYS A 23 15.73 13.17 -5.65
N GLU A 24 16.89 13.09 -4.98
CA GLU A 24 18.09 12.54 -5.64
C GLU A 24 17.86 11.12 -6.12
N ARG A 25 17.27 10.28 -5.27
N ARG A 25 17.26 10.29 -5.26
CA ARG A 25 17.11 8.87 -5.61
CA ARG A 25 17.08 8.88 -5.57
C ARG A 25 16.07 8.65 -6.69
C ARG A 25 16.07 8.65 -6.68
N LEU A 26 14.97 9.41 -6.62
CA LEU A 26 13.94 9.35 -7.64
C LEU A 26 14.45 9.81 -9.00
N GLU A 27 15.31 10.82 -9.02
CA GLU A 27 15.79 11.38 -10.28
C GLU A 27 16.95 10.60 -10.85
N GLN A 28 17.42 9.63 -10.08
CA GLN A 28 18.54 8.77 -10.46
C GLN A 28 18.36 8.18 -11.86
N ASP A 29 17.20 7.60 -12.14
CA ASP A 29 16.95 7.05 -13.47
C ASP A 29 15.53 7.25 -14.02
N LYS A 30 14.50 7.13 -13.18
CA LYS A 30 13.16 6.98 -13.73
C LYS A 30 12.29 8.24 -13.76
N TYR A 31 12.50 9.15 -12.81
CA TYR A 31 11.52 10.20 -12.58
C TYR A 31 12.10 11.62 -12.62
N ARG A 32 11.22 12.60 -12.80
N ARG A 32 11.21 12.59 -12.82
CA ARG A 32 11.59 13.99 -12.59
CA ARG A 32 11.53 14.00 -12.63
C ARG A 32 10.76 14.54 -11.43
C ARG A 32 10.77 14.47 -11.39
N VAL A 33 11.42 15.28 -10.54
CA VAL A 33 10.78 15.69 -9.29
C VAL A 33 10.78 17.21 -9.12
N GLU A 34 9.61 17.77 -8.83
N GLU A 34 9.61 17.77 -8.83
CA GLU A 34 9.50 19.15 -8.36
CA GLU A 34 9.49 19.15 -8.35
C GLU A 34 9.17 19.09 -6.88
C GLU A 34 9.15 19.12 -6.87
N TRP A 35 10.06 19.66 -6.08
CA TRP A 35 10.03 19.47 -4.65
C TRP A 35 9.70 20.77 -3.94
N ALA A 36 8.51 20.79 -3.35
CA ALA A 36 8.03 21.93 -2.58
C ALA A 36 8.26 21.67 -1.11
N LYS A 37 8.65 22.71 -0.39
CA LYS A 37 9.00 22.59 1.01
C LYS A 37 7.93 23.23 1.88
N THR A 38 6.93 23.82 1.22
N THR A 38 6.89 23.73 1.23
CA THR A 38 5.83 24.46 1.90
CA THR A 38 5.84 24.42 1.93
C THR A 38 4.59 24.22 1.07
C THR A 38 4.59 24.34 1.06
N ILE A 39 3.42 24.40 1.68
CA ILE A 39 2.16 24.39 0.95
C ILE A 39 2.07 25.50 -0.11
N SER A 40 2.51 26.69 0.24
CA SER A 40 2.46 27.74 -0.74
C SER A 40 3.39 27.45 -1.94
N GLU A 41 4.55 26.85 -1.70
CA GLU A 41 5.41 26.46 -2.79
C GLU A 41 4.75 25.34 -3.63
N ALA A 42 4.12 24.37 -2.96
CA ALA A 42 3.36 23.36 -3.68
C ALA A 42 2.27 23.92 -4.55
N GLU A 43 1.58 24.93 -4.04
CA GLU A 43 0.53 25.56 -4.83
C GLU A 43 1.09 26.28 -6.03
N ASN A 44 2.24 26.93 -5.87
CA ASN A 44 2.92 27.56 -6.98
C ASN A 44 3.35 26.57 -8.05
N LEU A 45 3.92 25.45 -7.61
CA LEU A 45 4.39 24.45 -8.55
C LEU A 45 3.23 23.74 -9.21
N TYR A 46 2.14 23.54 -8.46
CA TYR A 46 1.03 22.75 -8.97
C TYR A 46 0.23 23.46 -10.05
N ARG A 47 -0.04 22.74 -11.14
N ARG A 47 -0.10 22.72 -11.11
CA ARG A 47 -0.98 23.16 -12.17
CA ARG A 47 -1.09 23.15 -12.08
C ARG A 47 -1.50 21.89 -12.84
C ARG A 47 -1.53 21.89 -12.80
N PRO A 48 -2.74 21.92 -13.37
CA PRO A 48 -3.24 20.71 -14.02
C PRO A 48 -2.42 20.33 -15.23
N ASN A 49 -2.45 19.03 -15.54
CA ASN A 49 -1.75 18.48 -16.68
C ASN A 49 -0.25 18.70 -16.63
N ALA A 50 0.32 18.73 -15.43
CA ALA A 50 1.76 18.89 -15.29
C ALA A 50 2.44 17.77 -14.51
N PHE A 51 1.65 17.05 -13.72
CA PHE A 51 2.21 16.00 -12.86
C PHE A 51 1.53 14.64 -13.05
N ASP A 52 2.30 13.60 -12.78
CA ASP A 52 1.79 12.25 -12.85
C ASP A 52 1.46 11.68 -11.48
N LEU A 53 2.03 12.25 -10.43
CA LEU A 53 1.82 11.79 -9.07
C LEU A 53 2.20 12.89 -8.10
N VAL A 54 1.44 13.03 -7.02
CA VAL A 54 1.83 13.88 -5.91
C VAL A 54 2.18 13.00 -4.69
N VAL A 55 3.30 13.29 -4.02
CA VAL A 55 3.71 12.60 -2.79
C VAL A 55 3.73 13.68 -1.73
N LEU A 56 2.97 13.52 -0.68
CA LEU A 56 3.00 14.55 0.36
C LEU A 56 2.90 14.05 1.77
N ASP A 57 3.53 14.81 2.65
CA ASP A 57 3.37 14.62 4.07
C ASP A 57 2.12 15.37 4.51
N LEU A 58 1.69 15.12 5.73
CA LEU A 58 0.54 15.80 6.31
C LEU A 58 0.90 17.15 6.93
N ARG A 59 1.84 17.26 7.88
CA ARG A 59 2.15 18.59 8.43
CA ARG A 59 2.08 18.61 8.36
C ARG A 59 3.26 19.28 7.67
N LEU A 60 2.96 20.46 7.17
CA LEU A 60 3.91 21.35 6.57
C LEU A 60 3.89 22.59 7.45
N PRO A 61 4.84 23.51 7.25
CA PRO A 61 4.83 24.60 8.24
C PRO A 61 3.68 25.59 8.06
N ASP A 62 3.05 25.59 6.89
CA ASP A 62 2.03 26.60 6.58
C ASP A 62 0.68 25.99 6.24
N GLY A 63 0.42 24.76 6.67
CA GLY A 63 -0.84 24.13 6.39
C GLY A 63 -0.75 22.61 6.42
N ASN A 64 -1.83 21.93 6.01
CA ASN A 64 -1.92 20.49 6.08
C ASN A 64 -2.02 19.82 4.72
N GLY A 65 -1.32 18.71 4.56
CA GLY A 65 -1.34 17.94 3.33
C GLY A 65 -2.72 17.42 2.92
N PHE A 66 -3.58 17.10 3.88
CA PHE A 66 -4.94 16.71 3.50
C PHE A 66 -5.65 17.83 2.75
N ASP A 67 -5.47 19.08 3.19
CA ASP A 67 -6.14 20.23 2.53
C ASP A 67 -5.58 20.43 1.13
N LEU A 68 -4.27 20.28 1.01
CA LEU A 68 -3.62 20.36 -0.29
C LEU A 68 -4.15 19.25 -1.19
N ALA A 69 -4.18 18.01 -0.70
CA ALA A 69 -4.79 16.93 -1.45
C ALA A 69 -6.25 17.21 -1.87
N GLU A 70 -7.04 17.74 -0.95
CA GLU A 70 -8.45 18.04 -1.26
C GLU A 70 -8.54 19.09 -2.38
N MET A 71 -7.67 20.09 -2.30
CA MET A 71 -7.62 21.12 -3.32
C MET A 71 -7.30 20.49 -4.68
N ILE A 72 -6.28 19.64 -4.70
CA ILE A 72 -5.81 19.01 -5.92
C ILE A 72 -6.88 18.13 -6.56
N VAL A 73 -7.56 17.35 -5.72
CA VAL A 73 -8.66 16.49 -6.16
C VAL A 73 -9.74 17.33 -6.85
N LYS A 74 -9.98 18.53 -6.33
CA LYS A 74 -11.00 19.42 -6.89
C LYS A 74 -10.61 19.93 -8.27
N LYS A 75 -9.34 20.27 -8.45
CA LYS A 75 -8.83 20.76 -9.73
C LYS A 75 -8.59 19.68 -10.79
N GLU A 76 -8.26 18.48 -10.33
CA GLU A 76 -7.80 17.42 -11.23
C GLU A 76 -8.11 16.09 -10.53
N LYS A 77 -9.33 15.62 -10.78
CA LYS A 77 -9.98 14.54 -10.05
C LYS A 77 -9.17 13.24 -10.06
N ASP A 78 -8.39 13.06 -11.11
CA ASP A 78 -7.78 11.78 -11.37
C ASP A 78 -6.27 11.79 -11.24
N LEU A 79 -5.75 12.88 -10.67
CA LEU A 79 -4.32 12.96 -10.35
C LEU A 79 -4.03 12.14 -9.09
N PRO A 80 -3.22 11.09 -9.25
CA PRO A 80 -2.92 10.24 -8.09
C PRO A 80 -2.11 11.02 -7.04
N PHE A 81 -2.41 10.79 -5.77
CA PHE A 81 -1.61 11.36 -4.70
C PHE A 81 -1.43 10.27 -3.64
N LEU A 82 -0.26 10.25 -3.02
CA LEU A 82 -0.06 9.39 -1.87
C LEU A 82 0.51 10.12 -0.70
N PHE A 83 0.19 9.64 0.49
CA PHE A 83 0.72 10.22 1.73
C PHE A 83 1.95 9.50 2.21
N LEU A 84 2.93 10.28 2.65
CA LEU A 84 4.18 9.75 3.23
C LEU A 84 4.38 10.52 4.51
N THR A 85 4.11 9.90 5.65
CA THR A 85 3.94 10.67 6.88
C THR A 85 4.11 9.81 8.13
N ALA A 86 4.59 10.43 9.19
CA ALA A 86 4.69 9.80 10.49
C ALA A 86 3.32 9.69 11.13
N GLN A 87 2.34 10.46 10.65
N GLN A 87 2.37 10.47 10.64
CA GLN A 87 1.00 10.42 11.24
CA GLN A 87 1.00 10.47 11.15
C GLN A 87 0.14 9.42 10.52
C GLN A 87 0.20 9.42 10.43
N ALA A 88 0.39 8.16 10.82
CA ALA A 88 -0.09 7.06 10.00
C ALA A 88 -0.96 6.12 10.78
N GLY A 89 -1.67 6.66 11.77
CA GLY A 89 -2.61 5.85 12.54
C GLY A 89 -3.88 5.54 11.76
N ALA A 90 -4.72 4.72 12.39
CA ALA A 90 -5.90 4.18 11.71
C ALA A 90 -6.82 5.26 11.16
N GLN A 91 -7.05 6.33 11.93
N GLN A 91 -7.02 6.32 11.94
CA GLN A 91 -7.96 7.36 11.45
CA GLN A 91 -7.88 7.40 11.51
C GLN A 91 -7.36 8.23 10.33
C GLN A 91 -7.34 8.14 10.29
N GLU A 92 -6.05 8.49 10.34
CA GLU A 92 -5.43 9.22 9.23
C GLU A 92 -5.46 8.40 7.96
N ARG A 93 -5.16 7.11 8.08
CA ARG A 93 -5.13 6.27 6.90
C ARG A 93 -6.54 6.15 6.32
N LEU A 94 -7.55 5.96 7.15
CA LEU A 94 -8.90 5.84 6.64
C LEU A 94 -9.29 7.12 5.92
N ARG A 95 -8.96 8.26 6.52
CA ARG A 95 -9.29 9.53 5.89
C ARG A 95 -8.63 9.64 4.52
N GLY A 96 -7.35 9.28 4.45
CA GLY A 96 -6.60 9.33 3.19
C GLY A 96 -7.18 8.44 2.11
N PHE A 97 -7.48 7.20 2.46
CA PHE A 97 -8.07 6.24 1.51
C PHE A 97 -9.47 6.64 1.06
N GLU A 98 -10.28 7.17 1.97
CA GLU A 98 -11.60 7.63 1.60
C GLU A 98 -11.56 8.86 0.68
N LEU A 99 -10.52 9.66 0.78
CA LEU A 99 -10.31 10.78 -0.12
C LEU A 99 -9.83 10.30 -1.49
N GLY A 100 -9.39 9.04 -1.53
CA GLY A 100 -8.95 8.39 -2.74
C GLY A 100 -7.44 8.31 -2.94
N ALA A 101 -6.67 8.44 -1.85
CA ALA A 101 -5.22 8.31 -1.94
C ALA A 101 -4.83 6.99 -2.63
N ALA A 102 -3.80 7.10 -3.46
CA ALA A 102 -3.29 5.96 -4.17
C ALA A 102 -2.45 5.05 -3.27
N GLU A 103 -1.98 5.59 -2.17
CA GLU A 103 -1.10 4.87 -1.26
C GLU A 103 -0.99 5.66 0.03
N PHE A 104 -0.52 4.99 1.08
CA PHE A 104 -0.30 5.60 2.37
C PHE A 104 0.89 4.88 2.97
N ILE A 105 2.03 5.58 3.02
CA ILE A 105 3.28 4.97 3.45
C ILE A 105 3.71 5.67 4.71
N PRO A 106 3.93 4.93 5.80
CA PRO A 106 4.34 5.58 7.06
C PRO A 106 5.81 5.95 7.10
N LYS A 107 6.11 6.96 7.91
CA LYS A 107 7.47 7.17 8.41
C LYS A 107 7.53 6.56 9.81
N PRO A 108 8.64 5.90 10.17
CA PRO A 108 9.82 5.75 9.36
C PRO A 108 9.69 4.68 8.29
N PHE A 109 10.53 4.77 7.28
CA PHE A 109 10.54 3.81 6.18
C PHE A 109 11.95 3.67 5.62
N HIS A 110 12.25 2.50 5.07
CA HIS A 110 13.43 2.33 4.25
C HIS A 110 13.16 2.75 2.83
N LEU A 111 14.14 3.44 2.21
CA LEU A 111 13.97 3.96 0.87
C LEU A 111 13.47 2.90 -0.12
N LYS A 112 14.02 1.70 -0.05
CA LYS A 112 13.64 0.67 -1.03
C LYS A 112 12.18 0.26 -0.93
N GLU A 113 11.61 0.34 0.26
CA GLU A 113 10.16 0.09 0.43
C GLU A 113 9.37 1.14 -0.31
N PHE A 114 9.76 2.39 -0.09
CA PHE A 114 9.11 3.51 -0.78
C PHE A 114 9.20 3.35 -2.30
N LEU A 115 10.36 2.95 -2.82
CA LEU A 115 10.53 2.78 -4.26
C LEU A 115 9.65 1.65 -4.82
N ILE A 116 9.53 0.54 -4.10
CA ILE A 116 8.68 -0.54 -4.58
C ILE A 116 7.23 -0.06 -4.65
N ARG A 117 6.77 0.58 -3.58
CA ARG A 117 5.37 0.99 -3.49
C ARG A 117 5.07 2.07 -4.52
N LEU A 118 6.03 2.96 -4.73
N LEU A 118 6.02 2.96 -4.71
CA LEU A 118 5.82 4.04 -5.68
CA LEU A 118 5.89 4.02 -5.68
C LEU A 118 5.82 3.53 -7.12
C LEU A 118 5.76 3.47 -7.09
N GLU A 119 6.66 2.55 -7.45
CA GLU A 119 6.67 1.99 -8.77
C GLU A 119 5.33 1.30 -9.09
N ARG A 120 4.69 0.66 -8.11
CA ARG A 120 3.36 0.09 -8.36
C ARG A 120 2.32 1.18 -8.59
N VAL A 121 2.43 2.30 -7.89
CA VAL A 121 1.48 3.38 -8.13
C VAL A 121 1.66 3.93 -9.56
N ILE A 122 2.90 4.10 -9.98
CA ILE A 122 3.15 4.55 -11.34
C ILE A 122 2.63 3.56 -12.37
N SER A 123 2.76 2.26 -12.12
N SER A 123 2.78 2.28 -12.11
CA SER A 123 2.23 1.27 -13.06
CA SER A 123 2.26 1.29 -13.04
C SER A 123 0.71 1.36 -13.25
C SER A 123 0.76 1.46 -13.27
N LEU A 124 0.00 1.80 -12.22
CA LEU A 124 -1.45 2.00 -12.37
C LEU A 124 -1.79 3.23 -13.20
N THR A 125 -0.85 4.15 -13.33
CA THR A 125 -1.12 5.32 -14.18
C THR A 125 -0.99 5.00 -15.65
N ARG A 126 -0.45 3.84 -15.99
N ARG A 126 -0.42 3.84 -15.99
CA ARG A 126 -0.27 3.51 -17.39
CA ARG A 126 -0.26 3.47 -17.39
C ARG A 126 -1.58 3.13 -18.04
C ARG A 126 -1.59 3.13 -18.03
N PRO A 127 -1.71 3.42 -19.34
CA PRO A 127 -2.92 3.01 -20.06
C PRO A 127 -2.96 1.48 -20.25
N HIS A 128 -4.09 0.99 -20.74
CA HIS A 128 -4.30 -0.43 -21.01
C HIS A 128 -3.86 -0.74 -22.41
N TYR A 129 -3.03 -1.77 -22.54
CA TYR A 129 -2.47 -2.21 -23.81
C TYR A 129 -3.21 -3.37 -24.46
N LYS B 6 -16.34 -16.68 -8.12
CA LYS B 6 -16.01 -15.90 -6.93
C LYS B 6 -14.53 -16.03 -6.57
N PRO B 7 -13.86 -14.89 -6.33
CA PRO B 7 -12.45 -14.91 -5.95
C PRO B 7 -12.30 -15.62 -4.61
N ARG B 8 -11.24 -16.42 -4.45
CA ARG B 8 -11.08 -17.23 -3.25
C ARG B 8 -9.93 -16.67 -2.44
N ILE B 9 -10.19 -16.40 -1.17
CA ILE B 9 -9.22 -15.77 -0.30
C ILE B 9 -8.89 -16.80 0.78
N LEU B 10 -7.60 -17.02 1.04
CA LEU B 10 -7.12 -17.76 2.18
C LEU B 10 -6.78 -16.74 3.24
N LEU B 11 -7.54 -16.78 4.32
CA LEU B 11 -7.35 -15.85 5.44
C LEU B 11 -6.67 -16.60 6.55
N VAL B 12 -5.56 -16.06 7.04
CA VAL B 12 -4.77 -16.74 8.07
C VAL B 12 -4.72 -15.79 9.26
N GLU B 13 -5.46 -16.13 10.31
CA GLU B 13 -5.75 -15.20 11.39
C GLU B 13 -6.20 -15.99 12.60
N ASP B 14 -5.46 -15.89 13.72
CA ASP B 14 -5.86 -16.65 14.90
C ASP B 14 -6.83 -15.92 15.80
N ASP B 15 -6.99 -14.61 15.60
CA ASP B 15 -7.95 -13.87 16.41
C ASP B 15 -9.33 -14.17 15.88
N GLU B 16 -10.12 -14.95 16.62
CA GLU B 16 -11.36 -15.49 16.08
C GLU B 16 -12.49 -14.47 16.02
N GLY B 17 -12.43 -13.46 16.86
CA GLY B 17 -13.38 -12.38 16.76
C GLY B 17 -13.17 -11.64 15.44
N LEU B 18 -11.92 -11.32 15.16
CA LEU B 18 -11.59 -10.63 13.93
C LEU B 18 -11.83 -11.49 12.72
N GLY B 19 -11.40 -12.74 12.79
CA GLY B 19 -11.53 -13.65 11.66
C GLY B 19 -12.97 -13.87 11.28
N GLU B 20 -13.82 -14.05 12.29
CA GLU B 20 -15.23 -14.19 11.99
C GLU B 20 -15.79 -12.95 11.30
N THR B 21 -15.40 -11.77 11.80
CA THR B 21 -15.88 -10.53 11.20
C THR B 21 -15.44 -10.41 9.75
N LEU B 22 -14.18 -10.72 9.50
CA LEU B 22 -13.65 -10.58 8.15
C LEU B 22 -14.25 -11.63 7.20
N LYS B 23 -14.36 -12.88 7.63
CA LYS B 23 -14.91 -13.92 6.78
C LYS B 23 -16.35 -13.58 6.42
N GLU B 24 -17.13 -13.14 7.40
CA GLU B 24 -18.54 -12.84 7.18
C GLU B 24 -18.71 -11.68 6.21
N ARG B 25 -17.90 -10.64 6.39
N ARG B 25 -17.94 -10.62 6.38
CA ARG B 25 -18.01 -9.44 5.59
CA ARG B 25 -18.10 -9.46 5.52
C ARG B 25 -17.56 -9.66 4.14
C ARG B 25 -17.64 -9.80 4.10
N LEU B 26 -16.48 -10.43 3.97
CA LEU B 26 -15.97 -10.77 2.65
C LEU B 26 -16.91 -11.71 1.89
N GLU B 27 -17.56 -12.63 2.61
N GLU B 27 -17.55 -12.63 2.61
CA GLU B 27 -18.48 -13.57 1.97
CA GLU B 27 -18.47 -13.55 1.96
C GLU B 27 -19.90 -12.99 1.80
C GLU B 27 -19.76 -12.86 1.56
N GLN B 28 -20.06 -11.74 2.18
CA GLN B 28 -21.23 -10.95 1.80
C GLN B 28 -20.88 -10.17 0.52
N ASP B 29 -19.58 -9.89 0.35
CA ASP B 29 -19.05 -9.18 -0.81
C ASP B 29 -18.74 -10.09 -2.01
N LYS B 30 -19.31 -11.29 -1.99
CA LYS B 30 -19.13 -12.27 -3.07
C LYS B 30 -17.69 -12.79 -3.17
N TYR B 31 -17.06 -13.03 -2.02
CA TYR B 31 -15.80 -13.76 -1.98
C TYR B 31 -16.06 -15.13 -1.38
N ARG B 32 -15.20 -16.09 -1.69
CA ARG B 32 -15.18 -17.33 -0.93
C ARG B 32 -13.97 -17.23 -0.04
N VAL B 33 -14.14 -17.53 1.25
CA VAL B 33 -13.04 -17.40 2.20
C VAL B 33 -12.75 -18.73 2.88
N GLU B 34 -11.51 -19.17 2.83
CA GLU B 34 -11.11 -20.33 3.64
C GLU B 34 -10.27 -19.70 4.75
N TRP B 35 -10.74 -19.83 5.98
CA TRP B 35 -10.14 -19.19 7.13
C TRP B 35 -9.36 -20.17 7.99
N ALA B 36 -8.05 -20.07 7.94
CA ALA B 36 -7.14 -20.88 8.77
C ALA B 36 -6.72 -20.10 10.02
N LYS B 37 -6.51 -20.80 11.13
N LYS B 37 -6.49 -20.82 11.11
CA LYS B 37 -6.22 -20.14 12.39
CA LYS B 37 -6.25 -20.19 12.39
C LYS B 37 -4.80 -20.32 12.89
C LYS B 37 -4.82 -20.36 12.91
N THR B 38 -4.01 -21.10 12.17
CA THR B 38 -2.61 -21.34 12.51
C THR B 38 -1.80 -21.47 11.23
N ILE B 39 -0.48 -21.39 11.37
N ILE B 39 -0.48 -21.38 11.34
CA ILE B 39 0.44 -21.68 10.27
CA ILE B 39 0.38 -21.66 10.19
C ILE B 39 0.21 -23.08 9.73
C ILE B 39 0.20 -23.09 9.71
N SER B 40 0.06 -24.03 10.66
CA SER B 40 -0.11 -25.43 10.36
C SER B 40 -1.34 -25.61 9.48
N GLU B 41 -2.45 -25.03 9.92
CA GLU B 41 -3.66 -25.12 9.14
C GLU B 41 -3.52 -24.46 7.78
N ALA B 42 -2.92 -23.26 7.73
CA ALA B 42 -2.75 -22.59 6.45
C ALA B 42 -1.93 -23.37 5.43
N GLU B 43 -0.81 -23.94 5.89
CA GLU B 43 0.05 -24.76 5.03
C GLU B 43 -0.74 -25.93 4.47
N ASN B 44 -1.66 -26.46 5.28
CA ASN B 44 -2.44 -27.64 4.92
C ASN B 44 -3.52 -27.27 3.92
N LEU B 45 -4.19 -26.13 4.15
CA LEU B 45 -5.18 -25.66 3.18
C LEU B 45 -4.57 -25.13 1.88
N TYR B 46 -3.34 -24.63 1.96
CA TYR B 46 -2.74 -24.02 0.78
C TYR B 46 -2.44 -25.08 -0.28
N ARG B 47 -2.83 -24.77 -1.51
CA ARG B 47 -2.48 -25.57 -2.68
C ARG B 47 -2.38 -24.61 -3.85
N PRO B 48 -1.48 -24.89 -4.82
CA PRO B 48 -1.38 -23.97 -5.96
C PRO B 48 -2.67 -23.94 -6.79
N ASN B 49 -2.89 -22.87 -7.55
N ASN B 49 -2.89 -22.83 -7.50
CA ASN B 49 -4.03 -22.81 -8.48
CA ASN B 49 -4.01 -22.61 -8.43
C ASN B 49 -5.38 -22.95 -7.76
C ASN B 49 -5.41 -22.61 -7.84
N ALA B 50 -5.49 -22.43 -6.54
CA ALA B 50 -6.77 -22.45 -5.82
C ALA B 50 -7.15 -21.10 -5.24
N PHE B 51 -6.17 -20.26 -4.93
CA PHE B 51 -6.48 -19.01 -4.29
C PHE B 51 -6.14 -17.86 -5.18
N ASP B 52 -6.85 -16.76 -4.97
CA ASP B 52 -6.55 -15.53 -5.69
C ASP B 52 -5.90 -14.52 -4.78
N LEU B 53 -5.96 -14.76 -3.48
CA LEU B 53 -5.33 -13.84 -2.53
C LEU B 53 -5.14 -14.54 -1.21
N VAL B 54 -3.98 -14.34 -0.58
CA VAL B 54 -3.78 -14.79 0.80
C VAL B 54 -3.71 -13.55 1.68
N VAL B 55 -4.49 -13.50 2.77
CA VAL B 55 -4.38 -12.44 3.76
C VAL B 55 -3.82 -13.10 5.00
N LEU B 56 -2.65 -12.65 5.51
CA LEU B 56 -2.11 -13.28 6.72
C LEU B 56 -1.51 -12.31 7.68
N ASP B 57 -1.54 -12.68 8.96
CA ASP B 57 -0.83 -11.95 10.00
C ASP B 57 0.60 -12.49 10.13
N LEU B 58 1.56 -11.61 10.40
CA LEU B 58 2.91 -12.07 10.74
C LEU B 58 2.92 -12.78 12.09
N ARG B 59 1.97 -12.40 12.94
CA ARG B 59 1.90 -12.97 14.30
C ARG B 59 0.87 -14.07 14.33
N LEU B 60 1.34 -15.33 14.37
CA LEU B 60 0.42 -16.48 14.43
C LEU B 60 0.86 -17.32 15.62
N PRO B 61 -0.02 -18.22 16.12
CA PRO B 61 0.29 -18.80 17.43
C PRO B 61 1.48 -19.75 17.35
N ASP B 62 1.68 -20.35 16.17
CA ASP B 62 2.68 -21.41 16.02
C ASP B 62 3.85 -20.97 15.16
N GLY B 63 4.00 -19.66 15.00
CA GLY B 63 5.22 -19.14 14.39
C GLY B 63 5.10 -17.81 13.68
N ASN B 64 6.07 -17.57 12.80
CA ASN B 64 6.22 -16.31 12.08
C ASN B 64 5.57 -16.41 10.69
N GLY B 65 4.60 -15.54 10.44
CA GLY B 65 3.95 -15.50 9.14
C GLY B 65 4.88 -15.32 7.94
N PHE B 66 6.06 -14.72 8.11
CA PHE B 66 7.03 -14.71 7.01
C PHE B 66 7.39 -16.11 6.53
N ASP B 67 7.46 -17.09 7.43
CA ASP B 67 7.80 -18.45 7.01
C ASP B 67 6.71 -19.00 6.10
N LEU B 68 5.46 -18.69 6.44
CA LEU B 68 4.34 -19.13 5.63
C LEU B 68 4.35 -18.39 4.26
N ALA B 69 4.63 -17.08 4.28
CA ALA B 69 4.67 -16.34 3.02
C ALA B 69 5.80 -16.87 2.13
N GLU B 70 6.95 -17.19 2.73
N GLU B 70 6.93 -17.23 2.74
CA GLU B 70 8.08 -17.69 1.95
CA GLU B 70 8.05 -17.76 1.96
C GLU B 70 7.72 -18.98 1.23
C GLU B 70 7.72 -19.11 1.30
N MET B 71 7.04 -19.86 1.95
N MET B 71 6.95 -19.94 2.01
CA MET B 71 6.64 -21.15 1.41
CA MET B 71 6.55 -21.23 1.46
C MET B 71 5.70 -20.92 0.24
C MET B 71 5.63 -21.02 0.29
N ILE B 72 4.67 -20.11 0.47
CA ILE B 72 3.72 -19.79 -0.56
C ILE B 72 4.41 -19.19 -1.79
N VAL B 73 5.35 -18.28 -1.58
CA VAL B 73 6.10 -17.71 -2.70
C VAL B 73 6.94 -18.76 -3.45
N LYS B 74 7.50 -19.73 -2.73
CA LYS B 74 8.35 -20.75 -3.35
C LYS B 74 7.50 -21.62 -4.28
N LYS B 75 6.27 -21.88 -3.85
CA LYS B 75 5.36 -22.78 -4.56
C LYS B 75 4.61 -22.11 -5.70
N GLU B 76 4.34 -20.82 -5.54
CA GLU B 76 3.51 -20.09 -6.49
C GLU B 76 3.97 -18.64 -6.41
N LYS B 77 4.99 -18.34 -7.21
N LYS B 77 4.98 -18.33 -7.22
CA LYS B 77 5.78 -17.13 -7.05
CA LYS B 77 5.79 -17.12 -7.05
C LYS B 77 4.98 -15.85 -7.21
C LYS B 77 5.00 -15.83 -7.22
N ASP B 78 3.95 -15.89 -8.03
CA ASP B 78 3.16 -14.70 -8.30
C ASP B 78 1.76 -14.69 -7.62
N LEU B 79 1.51 -15.61 -6.67
CA LEU B 79 0.22 -15.60 -5.95
C LEU B 79 0.14 -14.35 -5.06
N PRO B 80 -0.91 -13.53 -5.20
CA PRO B 80 -0.92 -12.31 -4.39
C PRO B 80 -1.13 -12.62 -2.92
N PHE B 81 -0.40 -11.93 -2.07
CA PHE B 81 -0.56 -12.10 -0.63
C PHE B 81 -0.35 -10.73 0.00
N LEU B 82 -1.05 -10.50 1.09
CA LEU B 82 -0.85 -9.29 1.83
C LEU B 82 -0.77 -9.54 3.31
N PHE B 83 -0.07 -8.69 4.03
CA PHE B 83 0.05 -8.81 5.48
C PHE B 83 -0.96 -7.89 6.16
N LEU B 84 -1.59 -8.41 7.20
CA LEU B 84 -2.54 -7.65 8.02
C LEU B 84 -2.06 -7.89 9.45
N THR B 85 -1.38 -6.92 10.05
CA THR B 85 -0.63 -7.24 11.25
C THR B 85 -0.25 -6.01 12.08
N ALA B 86 -0.15 -6.17 13.39
CA ALA B 86 0.42 -5.17 14.29
C ALA B 86 1.93 -5.13 14.19
N GLN B 87 2.55 -6.13 13.59
CA GLN B 87 4.00 -6.14 13.41
C GLN B 87 4.36 -5.43 12.12
N ALA B 88 4.20 -4.10 12.14
CA ALA B 88 4.14 -3.32 10.92
C ALA B 88 5.24 -2.28 10.82
N GLY B 89 6.36 -2.53 11.48
CA GLY B 89 7.47 -1.59 11.42
C GLY B 89 8.26 -1.62 10.14
N ALA B 90 9.21 -0.70 10.05
CA ALA B 90 9.93 -0.48 8.79
C ALA B 90 10.65 -1.70 8.28
N GLN B 91 11.26 -2.48 9.19
CA GLN B 91 12.01 -3.66 8.78
C GLN B 91 11.07 -4.72 8.18
N GLU B 92 9.95 -4.93 8.84
CA GLU B 92 9.02 -5.97 8.41
C GLU B 92 8.35 -5.58 7.12
N ARG B 93 8.01 -4.29 6.97
CA ARG B 93 7.42 -3.87 5.70
C ARG B 93 8.41 -4.02 4.56
N LEU B 94 9.66 -3.62 4.80
CA LEU B 94 10.67 -3.78 3.75
C LEU B 94 10.81 -5.24 3.34
N ARG B 95 10.90 -6.15 4.31
N ARG B 95 10.88 -6.13 4.33
CA ARG B 95 11.01 -7.57 4.00
CA ARG B 95 11.01 -7.55 4.05
C ARG B 95 9.78 -8.05 3.24
C ARG B 95 9.80 -8.07 3.28
N GLY B 96 8.61 -7.66 3.70
CA GLY B 96 7.40 -8.07 3.03
C GLY B 96 7.29 -7.62 1.56
N PHE B 97 7.57 -6.32 1.32
CA PHE B 97 7.52 -5.82 -0.06
C PHE B 97 8.65 -6.41 -0.93
N GLU B 98 9.83 -6.60 -0.35
N GLU B 98 9.84 -6.61 -0.36
CA GLU B 98 10.92 -7.27 -1.09
CA GLU B 98 10.90 -7.26 -1.11
C GLU B 98 10.52 -8.70 -1.50
C GLU B 98 10.56 -8.72 -1.50
N LEU B 99 9.76 -9.37 -0.65
CA LEU B 99 9.28 -10.73 -0.92
C LEU B 99 8.16 -10.73 -1.97
N GLY B 100 7.58 -9.55 -2.23
CA GLY B 100 6.58 -9.37 -3.26
C GLY B 100 5.16 -9.18 -2.75
N ALA B 101 5.00 -8.93 -1.44
CA ALA B 101 3.65 -8.73 -0.90
C ALA B 101 2.93 -7.67 -1.68
N ALA B 102 1.65 -7.94 -1.94
CA ALA B 102 0.77 -7.00 -2.68
C ALA B 102 0.35 -5.81 -1.84
N GLU B 103 0.31 -5.99 -0.53
CA GLU B 103 -0.12 -4.94 0.37
C GLU B 103 0.40 -5.26 1.78
N PHE B 104 0.32 -4.25 2.64
CA PHE B 104 0.79 -4.37 4.02
C PHE B 104 -0.06 -3.39 4.81
N ILE B 105 -1.02 -3.92 5.57
CA ILE B 105 -2.02 -3.11 6.26
C ILE B 105 -1.84 -3.33 7.75
N PRO B 106 -1.57 -2.28 8.51
CA PRO B 106 -1.30 -2.44 9.95
C PRO B 106 -2.57 -2.68 10.79
N LYS B 107 -2.40 -3.31 11.95
CA LYS B 107 -3.40 -3.29 13.00
C LYS B 107 -2.91 -2.29 14.06
N PRO B 108 -3.82 -1.49 14.60
CA PRO B 108 -5.26 -1.50 14.35
C PRO B 108 -5.68 -0.85 13.05
N PHE B 109 -6.86 -1.24 12.58
CA PHE B 109 -7.43 -0.65 11.37
C PHE B 109 -8.93 -0.57 11.50
N HIS B 110 -9.52 0.37 10.79
CA HIS B 110 -10.97 0.43 10.59
C HIS B 110 -11.31 -0.47 9.42
N LEU B 111 -12.39 -1.23 9.53
CA LEU B 111 -12.75 -2.23 8.55
C LEU B 111 -12.84 -1.63 7.13
N LYS B 112 -13.35 -0.40 7.01
N LYS B 112 -13.36 -0.41 7.03
CA LYS B 112 -13.53 0.20 5.70
CA LYS B 112 -13.54 0.26 5.75
C LYS B 112 -12.18 0.43 5.01
C LYS B 112 -12.20 0.43 5.03
N GLU B 113 -11.13 0.72 5.77
CA GLU B 113 -9.81 0.83 5.16
C GLU B 113 -9.35 -0.49 4.54
N PHE B 114 -9.48 -1.56 5.33
CA PHE B 114 -9.12 -2.89 4.86
C PHE B 114 -9.88 -3.22 3.55
N LEU B 115 -11.17 -2.94 3.51
CA LEU B 115 -11.95 -3.26 2.31
C LEU B 115 -11.53 -2.47 1.09
N ILE B 116 -11.26 -1.18 1.28
CA ILE B 116 -10.81 -0.36 0.18
C ILE B 116 -9.49 -0.95 -0.38
N ARG B 117 -8.55 -1.23 0.52
CA ARG B 117 -7.26 -1.71 0.07
C ARG B 117 -7.31 -3.11 -0.54
N LEU B 118 -8.09 -4.03 0.06
CA LEU B 118 -8.26 -5.40 -0.47
C LEU B 118 -8.90 -5.37 -1.85
N GLU B 119 -9.93 -4.52 -2.03
CA GLU B 119 -10.59 -4.47 -3.34
C GLU B 119 -9.61 -4.06 -4.44
N ARG B 120 -8.70 -3.13 -4.09
CA ARG B 120 -7.69 -2.73 -5.04
C ARG B 120 -6.76 -3.89 -5.45
N VAL B 121 -6.35 -4.70 -4.48
CA VAL B 121 -5.44 -5.79 -4.76
C VAL B 121 -6.15 -6.80 -5.68
N ILE B 122 -7.41 -7.08 -5.37
CA ILE B 122 -8.16 -8.10 -6.13
C ILE B 122 -8.30 -7.69 -7.59
N SER B 123 -8.39 -6.38 -7.83
CA SER B 123 -8.52 -5.86 -9.19
C SER B 123 -7.31 -6.08 -10.10
N LEU B 124 -6.14 -6.27 -9.50
CA LEU B 124 -4.93 -6.41 -10.33
C LEU B 124 -5.01 -7.69 -11.18
N THR B 125 -4.49 -7.57 -12.40
CA THR B 125 -4.48 -8.63 -13.37
C THR B 125 -3.38 -9.61 -13.10
N ARG B 126 -3.75 -10.88 -13.20
CA ARG B 126 -2.83 -11.98 -13.08
C ARG B 126 -3.26 -13.08 -14.04
N PRO B 127 -2.31 -13.70 -14.77
CA PRO B 127 -0.90 -13.33 -14.94
C PRO B 127 -0.65 -12.39 -16.17
N HIS B 128 0.23 -12.73 -17.13
CA HIS B 128 0.52 -11.79 -18.21
C HIS B 128 -0.21 -12.14 -19.47
N TYR B 129 -1.15 -11.27 -19.87
CA TYR B 129 -1.96 -11.47 -21.06
C TYR B 129 -1.35 -10.83 -22.29
#